data_5IGR
#
_entry.id   5IGR
#
_cell.length_a   45.110
_cell.length_b   45.110
_cell.length_c   246.800
_cell.angle_alpha   90.00
_cell.angle_beta   90.00
_cell.angle_gamma   120.00
#
_symmetry.space_group_name_H-M   'P 32 2 1'
#
loop_
_entity.id
_entity.type
_entity.pdbx_description
1 polymer "Macrolide 2'-phosphotransferase"
2 non-polymer "GUANOSINE-5'-DIPHOSPHATE"
3 non-polymer '(3S,5R,6S,7R,8R,11R,12S,13R,14S,15S)-6-HYDROXY-5,7,8,11,13,15-HEXAMETHYL-4,10-DIOXO-14-{[3,4,6-TRIDEOXY-3-(DIMETHYLAMINO)-BETA-D-XYLO-HEXOPYRANOSYL]OXY}-1,9-DIOXASPIRO[2.13]HEXADEC-12-YL 2,6-DIDEOXY-3-O-METHYL-ALPHA-L-ARABINO-HEXOPYRANOSIDE'
4 non-polymer 'AMMONIUM ION'
5 non-polymer 'ISOPROPYL ALCOHOL'
6 water water
#
_entity_poly.entity_id   1
_entity_poly.type   'polypeptide(L)'
_entity_poly.pdbx_seq_one_letter_code
;MTVVTTADTSQLYALAARHGLKLHGPLTVNELGLDYRIVIATVDDGRRWVLRIPRRAEVSAKVEPEARVLAMLKNRLPFA
VPDWRVANAELVAYPMLEDSTAMVIQPGSSTPDWVVPQDSEVFAESFATALAALHAVPISAAVDAGMLIRTPTQARQKVA
DDVDRVRREFVVNDKRLHRWQRWLDDDSSWPDFSVVVHGDLYVGHVLIDNTERVSGMIDWSEARVDDPAIDMAAHLMVFG
EEGLAKLLLTYEAAGGRVWPRLAHHIAERLAFGAVTYALFALDSGNEEYLAAAKAQLAAAE
;
_entity_poly.pdbx_strand_id   A
#
# COMPACT_ATOMS: atom_id res chain seq x y z
N THR A 2 -30.54 24.25 -8.69
CA THR A 2 -29.82 23.40 -7.75
C THR A 2 -29.49 22.06 -8.41
N VAL A 3 -28.31 21.50 -8.09
CA VAL A 3 -27.88 20.20 -8.60
C VAL A 3 -27.37 19.36 -7.44
N VAL A 4 -27.96 18.19 -7.26
CA VAL A 4 -27.47 17.28 -6.22
C VAL A 4 -26.07 16.82 -6.61
N THR A 5 -25.15 16.85 -5.62
CA THR A 5 -23.76 16.43 -5.82
C THR A 5 -23.37 15.49 -4.72
N THR A 6 -22.48 14.57 -5.03
CA THR A 6 -22.09 13.58 -4.06
C THR A 6 -21.42 14.22 -2.86
N ALA A 7 -20.58 15.23 -3.08
CA ALA A 7 -19.83 15.83 -1.96
C ALA A 7 -20.71 16.76 -1.13
N ASP A 8 -20.59 16.69 0.21
CA ASP A 8 -21.26 17.66 1.07
C ASP A 8 -20.27 18.78 1.31
N THR A 9 -20.32 19.80 0.45
CA THR A 9 -19.32 20.84 0.51
C THR A 9 -19.32 21.60 1.84
N SER A 10 -20.49 21.78 2.44
CA SER A 10 -20.63 22.58 3.66
C SER A 10 -19.92 21.89 4.80
N GLN A 11 -20.12 20.57 4.88
CA GLN A 11 -19.49 19.79 5.93
C GLN A 11 -18.02 19.68 5.71
N LEU A 12 -17.61 19.55 4.44
CA LEU A 12 -16.19 19.39 4.13
C LEU A 12 -15.45 20.70 4.46
N TYR A 13 -16.09 21.83 4.14
CA TYR A 13 -15.47 23.11 4.37
C TYR A 13 -15.23 23.27 5.88
N ALA A 14 -16.22 22.86 6.65
CA ALA A 14 -16.24 23.13 8.07
C ALA A 14 -15.14 22.26 8.72
N LEU A 15 -15.03 21.04 8.22
CA LEU A 15 -14.07 20.07 8.76
C LEU A 15 -12.69 20.60 8.46
N ALA A 16 -12.46 21.01 7.22
CA ALA A 16 -11.13 21.45 6.85
C ALA A 16 -10.74 22.74 7.59
N ALA A 17 -11.72 23.63 7.81
CA ALA A 17 -11.40 24.92 8.39
C ALA A 17 -11.04 24.74 9.87
N ARG A 18 -11.58 23.71 10.53
CA ARG A 18 -11.21 23.42 11.92
C ARG A 18 -9.77 23.03 12.06
N HIS A 19 -9.10 22.76 10.95
CA HIS A 19 -7.70 22.36 11.00
C HIS A 19 -6.83 23.23 10.10
N GLY A 20 -7.27 24.45 9.86
CA GLY A 20 -6.40 25.45 9.24
C GLY A 20 -6.37 25.50 7.72
N LEU A 21 -7.25 24.73 7.09
CA LEU A 21 -7.34 24.67 5.62
C LEU A 21 -8.64 25.30 5.13
N LYS A 22 -8.52 26.20 4.15
CA LYS A 22 -9.67 26.89 3.63
C LYS A 22 -9.98 26.36 2.23
N LEU A 23 -11.05 25.57 2.12
CA LEU A 23 -11.40 24.99 0.83
C LEU A 23 -12.05 26.04 -0.04
N HIS A 24 -11.69 26.03 -1.32
CA HIS A 24 -12.18 27.01 -2.28
C HIS A 24 -11.88 26.49 -3.63
N GLY A 25 -12.91 26.24 -4.42
CA GLY A 25 -12.73 25.75 -5.77
C GLY A 25 -13.07 24.28 -5.94
N PRO A 26 -12.70 23.73 -7.11
CA PRO A 26 -13.03 22.37 -7.54
C PRO A 26 -12.70 21.32 -6.52
N LEU A 27 -13.61 20.36 -6.29
CA LEU A 27 -13.21 19.13 -5.66
C LEU A 27 -13.78 17.84 -6.26
N THR A 28 -13.28 16.72 -5.71
N THR A 28 -13.32 16.71 -5.71
CA THR A 28 -13.56 15.37 -6.21
CA THR A 28 -13.70 15.38 -6.20
C THR A 28 -13.55 14.33 -5.05
C THR A 28 -13.67 14.36 -5.02
N VAL A 29 -14.53 13.40 -5.01
N VAL A 29 -14.56 13.38 -5.03
CA VAL A 29 -14.75 12.54 -3.83
CA VAL A 29 -14.81 12.53 -3.85
C VAL A 29 -14.85 11.07 -4.13
C VAL A 29 -14.83 11.05 -4.16
N ASN A 30 -14.25 10.27 -3.26
CA ASN A 30 -14.18 8.82 -3.39
C ASN A 30 -14.65 8.18 -2.07
N GLU A 31 -15.84 7.60 -2.12
CA GLU A 31 -16.45 6.98 -0.94
C GLU A 31 -16.29 5.48 -0.95
N LEU A 32 -15.55 4.98 -1.94
CA LEU A 32 -15.39 3.54 -2.12
C LEU A 32 -14.68 2.94 -0.91
N GLY A 33 -13.73 3.70 -0.35
CA GLY A 33 -12.91 3.21 0.73
C GLY A 33 -13.74 2.76 1.90
N LEU A 34 -13.44 1.58 2.42
CA LEU A 34 -14.17 1.10 3.58
C LEU A 34 -13.73 1.78 4.90
N ASP A 35 -12.56 2.42 4.89
CA ASP A 35 -12.01 3.02 6.10
C ASP A 35 -11.91 4.54 6.07
N TYR A 36 -11.70 5.11 4.88
CA TYR A 36 -11.59 6.56 4.70
C TYR A 36 -12.43 7.03 3.56
N ARG A 37 -12.89 8.27 3.66
N ARG A 37 -12.89 8.28 3.67
CA ARG A 37 -13.40 9.02 2.53
CA ARG A 37 -13.40 9.01 2.54
C ARG A 37 -12.20 9.81 2.03
C ARG A 37 -12.20 9.81 2.03
N ILE A 38 -12.03 9.87 0.71
CA ILE A 38 -10.90 10.54 0.12
C ILE A 38 -11.43 11.64 -0.76
N VAL A 39 -11.05 12.86 -0.43
CA VAL A 39 -11.46 14.02 -1.22
C VAL A 39 -10.25 14.71 -1.71
N ILE A 40 -10.22 15.07 -3.00
CA ILE A 40 -9.16 15.92 -3.50
C ILE A 40 -9.81 17.25 -3.78
N ALA A 41 -9.33 18.25 -3.09
CA ALA A 41 -10.00 19.54 -2.98
C ALA A 41 -9.03 20.68 -3.25
N THR A 42 -9.53 21.76 -3.81
CA THR A 42 -8.68 22.89 -4.01
C THR A 42 -8.77 23.75 -2.77
N VAL A 43 -7.64 24.35 -2.39
CA VAL A 43 -7.57 25.20 -1.21
C VAL A 43 -7.26 26.64 -1.64
N ASP A 44 -7.47 27.60 -0.76
CA ASP A 44 -7.19 29.01 -1.09
C ASP A 44 -5.71 29.30 -1.37
N ASP A 45 -4.81 28.31 -1.24
CA ASP A 45 -3.43 28.49 -1.70
C ASP A 45 -3.30 28.19 -3.20
N GLY A 46 -4.41 27.98 -3.91
CA GLY A 46 -4.38 27.60 -5.33
C GLY A 46 -4.01 26.15 -5.56
N ARG A 47 -3.62 25.47 -4.50
CA ARG A 47 -3.16 24.08 -4.53
C ARG A 47 -4.28 23.05 -4.30
N ARG A 48 -4.16 21.86 -4.91
CA ARG A 48 -5.02 20.75 -4.53
C ARG A 48 -4.44 20.08 -3.31
N TRP A 49 -5.34 19.76 -2.39
CA TRP A 49 -4.96 19.00 -1.19
C TRP A 49 -5.77 17.74 -1.17
N VAL A 50 -5.21 16.72 -0.54
CA VAL A 50 -5.92 15.47 -0.38
C VAL A 50 -6.44 15.44 1.05
N LEU A 51 -7.72 15.21 1.21
N LEU A 51 -7.74 15.22 1.19
CA LEU A 51 -8.28 15.02 2.54
CA LEU A 51 -8.36 15.05 2.49
C LEU A 51 -8.59 13.55 2.71
C LEU A 51 -8.59 13.55 2.70
N ARG A 52 -7.96 12.95 3.71
CA ARG A 52 -8.20 11.55 4.07
C ARG A 52 -9.02 11.58 5.32
N ILE A 53 -10.28 11.17 5.20
CA ILE A 53 -11.22 11.37 6.28
C ILE A 53 -11.53 10.02 6.96
N PRO A 54 -10.99 9.78 8.18
CA PRO A 54 -11.30 8.51 8.83
C PRO A 54 -12.79 8.32 9.07
N ARG A 55 -13.30 7.14 8.77
CA ARG A 55 -14.74 6.84 8.90
C ARG A 55 -15.16 6.50 10.32
N ARG A 56 -14.26 5.90 11.10
CA ARG A 56 -14.63 5.36 12.40
C ARG A 56 -13.50 5.50 13.40
N ALA A 57 -13.82 5.40 14.69
CA ALA A 57 -12.82 5.54 15.74
C ALA A 57 -11.65 4.56 15.58
N GLU A 58 -11.92 3.33 15.15
CA GLU A 58 -10.84 2.35 14.96
C GLU A 58 -9.87 2.78 13.85
N VAL A 59 -10.35 3.54 12.89
CA VAL A 59 -9.49 4.01 11.80
C VAL A 59 -8.71 5.21 12.28
N SER A 60 -9.41 6.12 12.94
CA SER A 60 -8.77 7.28 13.52
C SER A 60 -7.57 6.91 14.37
N ALA A 61 -7.67 5.81 15.11
CA ALA A 61 -6.58 5.40 15.97
C ALA A 61 -5.25 5.14 15.26
N LYS A 62 -5.30 4.94 13.95
CA LYS A 62 -4.13 4.62 13.17
C LYS A 62 -3.41 5.86 12.64
N VAL A 63 -4.04 7.03 12.78
CA VAL A 63 -3.50 8.26 12.18
C VAL A 63 -2.15 8.62 12.84
N GLU A 64 -2.12 8.64 14.17
CA GLU A 64 -0.95 9.18 14.84
C GLU A 64 0.28 8.31 14.59
N PRO A 65 0.15 6.98 14.67
CA PRO A 65 1.33 6.18 14.35
C PRO A 65 1.78 6.33 12.88
N GLU A 66 0.85 6.43 11.92
CA GLU A 66 1.27 6.64 10.54
C GLU A 66 1.92 8.00 10.39
N ALA A 67 1.43 9.02 11.11
CA ALA A 67 2.06 10.33 11.01
C ALA A 67 3.57 10.21 11.39
N ARG A 68 3.85 9.46 12.46
CA ARG A 68 5.23 9.31 12.87
C ARG A 68 6.09 8.63 11.82
N VAL A 69 5.51 7.63 11.13
CA VAL A 69 6.18 6.98 10.03
C VAL A 69 6.53 7.96 8.95
N LEU A 70 5.54 8.72 8.49
CA LEU A 70 5.82 9.65 7.41
C LEU A 70 6.78 10.75 7.79
N ALA A 71 6.74 11.18 9.04
CA ALA A 71 7.70 12.20 9.52
C ALA A 71 9.14 11.68 9.42
N MET A 72 9.35 10.43 9.78
CA MET A 72 10.66 9.83 9.67
C MET A 72 11.10 9.61 8.25
N LEU A 73 10.17 9.23 7.41
CA LEU A 73 10.53 8.85 6.06
C LEU A 73 10.86 10.06 5.18
N LYS A 74 10.30 11.22 5.50
CA LYS A 74 10.35 12.39 4.60
C LYS A 74 11.80 12.64 4.08
N ASN A 75 12.79 12.84 4.94
CA ASN A 75 14.16 13.05 4.44
C ASN A 75 14.94 11.82 4.04
N ARG A 76 14.42 10.63 4.29
CA ARG A 76 15.19 9.42 4.11
C ARG A 76 14.81 8.69 2.83
N LEU A 77 14.02 9.35 1.95
CA LEU A 77 13.68 8.73 0.68
C LEU A 77 13.94 9.72 -0.47
N PRO A 78 14.52 9.24 -1.58
CA PRO A 78 14.79 10.06 -2.75
C PRO A 78 13.56 10.21 -3.63
N PHE A 79 12.41 10.22 -3.01
CA PHE A 79 11.16 10.44 -3.69
C PHE A 79 10.19 10.97 -2.67
N ALA A 80 9.10 11.51 -3.15
CA ALA A 80 8.13 12.14 -2.26
C ALA A 80 7.21 11.17 -1.56
N VAL A 81 6.79 11.57 -0.37
CA VAL A 81 5.71 10.94 0.35
C VAL A 81 4.73 11.99 0.85
N PRO A 82 3.48 11.58 1.20
CA PRO A 82 2.54 12.63 1.62
C PRO A 82 3.06 13.42 2.83
N ASP A 83 2.86 14.73 2.81
CA ASP A 83 3.31 15.64 3.85
C ASP A 83 2.08 16.00 4.65
N TRP A 84 1.85 15.20 5.67
CA TRP A 84 0.63 15.31 6.48
C TRP A 84 0.66 16.56 7.37
N ARG A 85 0.42 17.70 6.76
CA ARG A 85 0.44 18.94 7.48
C ARG A 85 -0.77 19.04 8.45
N VAL A 86 -1.81 18.27 8.15
CA VAL A 86 -2.91 18.04 9.05
C VAL A 86 -2.94 16.56 9.33
N ALA A 87 -2.88 16.20 10.62
CA ALA A 87 -2.97 14.81 11.02
C ALA A 87 -3.64 14.70 12.40
N ASN A 88 -4.90 14.35 12.40
CA ASN A 88 -5.64 14.19 13.62
C ASN A 88 -6.74 13.19 13.36
N ALA A 89 -7.45 12.83 14.42
CA ALA A 89 -8.41 11.76 14.37
C ALA A 89 -9.60 12.04 13.44
N GLU A 90 -9.95 13.31 13.21
CA GLU A 90 -11.06 13.57 12.31
C GLU A 90 -10.64 13.86 10.87
N LEU A 91 -9.36 14.16 10.66
CA LEU A 91 -8.90 14.52 9.34
C LEU A 91 -7.39 14.37 9.19
N VAL A 92 -6.98 13.73 8.09
CA VAL A 92 -5.63 13.85 7.58
C VAL A 92 -5.69 14.68 6.30
N ALA A 93 -4.74 15.56 6.12
CA ALA A 93 -4.67 16.34 4.89
C ALA A 93 -3.22 16.64 4.52
N TYR A 94 -2.96 16.50 3.24
CA TYR A 94 -1.67 16.79 2.66
C TYR A 94 -1.79 17.46 1.31
N PRO A 95 -0.80 18.27 0.95
CA PRO A 95 -0.83 18.80 -0.42
C PRO A 95 -0.77 17.66 -1.42
N MET A 96 -1.56 17.72 -2.47
CA MET A 96 -1.57 16.62 -3.41
C MET A 96 -0.22 16.55 -4.09
N LEU A 97 0.27 15.32 -4.23
CA LEU A 97 1.44 15.03 -5.00
C LEU A 97 0.88 14.89 -6.40
N GLU A 98 1.12 15.88 -7.24
N GLU A 98 1.05 15.91 -7.22
CA GLU A 98 0.36 15.98 -8.48
CA GLU A 98 0.31 15.94 -8.47
C GLU A 98 0.79 15.08 -9.63
C GLU A 98 0.64 14.86 -9.50
N ASP A 99 1.84 14.29 -9.43
CA ASP A 99 2.24 13.29 -10.41
C ASP A 99 1.27 12.14 -10.43
N SER A 100 1.07 11.56 -11.60
CA SER A 100 0.11 10.49 -11.75
C SER A 100 0.53 9.23 -11.00
N THR A 101 -0.44 8.47 -10.50
CA THR A 101 -0.17 7.08 -10.16
C THR A 101 0.24 6.27 -11.43
N ALA A 102 0.96 5.19 -11.20
CA ALA A 102 1.49 4.36 -12.26
C ALA A 102 0.48 3.36 -12.85
N MET A 103 -0.69 3.37 -12.26
CA MET A 103 -1.93 2.77 -12.77
C MET A 103 -3.01 3.82 -12.61
N VAL A 104 -3.82 3.99 -13.65
CA VAL A 104 -4.97 4.83 -13.63
C VAL A 104 -6.22 3.97 -13.71
N ILE A 105 -7.16 4.20 -12.80
CA ILE A 105 -8.36 3.39 -12.71
C ILE A 105 -9.46 4.28 -12.18
N GLN A 106 -10.62 4.17 -12.82
CA GLN A 106 -11.73 5.04 -12.50
C GLN A 106 -12.41 4.45 -11.29
N PRO A 107 -12.89 5.31 -10.38
CA PRO A 107 -13.37 4.73 -9.11
C PRO A 107 -14.55 3.80 -9.39
N GLY A 108 -14.60 2.65 -8.73
CA GLY A 108 -15.70 1.74 -8.92
C GLY A 108 -15.47 0.69 -9.98
N SER A 109 -14.51 0.95 -10.87
N SER A 109 -14.50 0.94 -10.87
CA SER A 109 -14.19 0.01 -11.94
CA SER A 109 -14.21 0.02 -11.96
C SER A 109 -13.22 -1.06 -11.48
C SER A 109 -13.19 -1.03 -11.54
N SER A 110 -13.34 -2.23 -12.09
CA SER A 110 -12.43 -3.34 -11.80
C SER A 110 -11.30 -3.44 -12.83
N THR A 111 -11.35 -2.61 -13.87
CA THR A 111 -10.38 -2.60 -14.94
C THR A 111 -9.71 -1.23 -15.07
N PRO A 112 -8.37 -1.16 -14.96
CA PRO A 112 -7.70 0.12 -15.07
C PRO A 112 -7.80 0.66 -16.48
N ASP A 113 -7.72 1.98 -16.59
CA ASP A 113 -7.58 2.62 -17.87
C ASP A 113 -6.18 2.41 -18.45
N TRP A 114 -5.14 2.36 -17.59
CA TRP A 114 -3.79 2.39 -18.06
C TRP A 114 -2.91 1.90 -16.93
N VAL A 115 -1.85 1.20 -17.31
CA VAL A 115 -0.81 0.77 -16.36
C VAL A 115 0.48 1.11 -17.07
N VAL A 116 1.45 1.65 -16.34
CA VAL A 116 2.76 1.92 -16.94
C VAL A 116 3.27 0.66 -17.67
N PRO A 117 3.76 0.82 -18.90
CA PRO A 117 4.05 -0.37 -19.69
C PRO A 117 5.25 -1.18 -19.21
N GLN A 118 5.12 -2.48 -19.44
CA GLN A 118 6.20 -3.41 -19.17
C GLN A 118 7.54 -2.99 -19.75
N ASP A 119 7.54 -2.48 -20.98
CA ASP A 119 8.80 -2.15 -21.64
C ASP A 119 9.26 -0.72 -21.27
N SER A 120 8.61 -0.10 -20.29
CA SER A 120 9.16 1.14 -19.75
C SER A 120 10.37 0.84 -18.92
N GLU A 121 11.54 1.08 -19.50
CA GLU A 121 12.79 0.86 -18.83
C GLU A 121 12.95 1.86 -17.70
N VAL A 122 12.59 3.13 -17.92
CA VAL A 122 12.67 4.15 -16.87
C VAL A 122 11.86 3.79 -15.64
N PHE A 123 10.62 3.36 -15.82
CA PHE A 123 9.83 2.93 -14.70
C PHE A 123 10.43 1.73 -13.98
N ALA A 124 10.81 0.74 -14.76
CA ALA A 124 11.36 -0.49 -14.14
C ALA A 124 12.61 -0.17 -13.30
N GLU A 125 13.51 0.58 -13.89
CA GLU A 125 14.77 0.88 -13.25
C GLU A 125 14.54 1.75 -12.01
N SER A 126 13.74 2.80 -12.16
CA SER A 126 13.56 3.73 -11.07
C SER A 126 12.73 3.12 -9.93
N PHE A 127 11.86 2.17 -10.25
CA PHE A 127 11.09 1.51 -9.21
C PHE A 127 12.06 0.62 -8.43
N ALA A 128 12.96 -0.05 -9.17
CA ALA A 128 13.89 -0.93 -8.46
C ALA A 128 14.82 -0.14 -7.52
N THR A 129 15.34 0.98 -7.96
CA THR A 129 16.22 1.81 -7.11
C THR A 129 15.47 2.54 -6.00
N ALA A 130 14.19 2.90 -6.25
CA ALA A 130 13.37 3.46 -5.20
C ALA A 130 13.13 2.45 -4.08
N LEU A 131 12.91 1.22 -4.47
CA LEU A 131 12.64 0.17 -3.52
C LEU A 131 13.89 -0.15 -2.71
N ALA A 132 15.03 -0.19 -3.38
CA ALA A 132 16.26 -0.42 -2.66
C ALA A 132 16.45 0.71 -1.65
N ALA A 133 16.17 1.94 -2.02
CA ALA A 133 16.31 3.05 -1.07
C ALA A 133 15.38 2.91 0.10
N LEU A 134 14.13 2.59 -0.15
CA LEU A 134 13.24 2.34 0.96
C LEU A 134 13.72 1.26 1.92
N HIS A 135 14.14 0.16 1.32
CA HIS A 135 14.54 -0.96 2.17
C HIS A 135 15.87 -0.74 2.85
N ALA A 136 16.54 0.36 2.50
CA ALA A 136 17.76 0.75 3.17
C ALA A 136 17.53 1.71 4.34
N VAL A 137 16.28 2.09 4.62
CA VAL A 137 16.04 2.98 5.74
C VAL A 137 16.47 2.20 6.99
N PRO A 138 17.28 2.81 7.87
CA PRO A 138 17.72 2.02 9.04
C PRO A 138 16.60 1.59 9.99
N ILE A 139 16.77 0.36 10.50
CA ILE A 139 15.83 -0.19 11.48
C ILE A 139 15.79 0.70 12.71
N SER A 140 16.94 1.27 13.07
N SER A 140 16.94 1.26 13.08
CA SER A 140 16.96 2.19 14.20
CA SER A 140 16.97 2.20 14.19
C SER A 140 16.01 3.37 14.01
C SER A 140 15.95 3.31 13.99
N ALA A 141 15.88 3.85 12.78
CA ALA A 141 14.99 4.97 12.49
C ALA A 141 13.52 4.54 12.62
N ALA A 142 13.26 3.31 12.19
CA ALA A 142 11.92 2.77 12.37
C ALA A 142 11.54 2.63 13.83
N VAL A 143 12.47 2.10 14.63
CA VAL A 143 12.25 1.91 16.10
C VAL A 143 12.00 3.27 16.79
N ASP A 144 12.84 4.23 16.46
CA ASP A 144 12.74 5.57 17.00
C ASP A 144 11.41 6.24 16.60
N ALA A 145 10.89 5.88 15.43
CA ALA A 145 9.55 6.32 15.00
C ALA A 145 8.34 5.52 15.52
N GLY A 146 8.61 4.52 16.34
CA GLY A 146 7.57 3.72 16.93
C GLY A 146 6.85 2.79 15.97
N MET A 147 7.55 2.38 14.94
CA MET A 147 6.95 1.48 13.94
C MET A 147 6.77 0.11 14.52
N LEU A 148 5.83 -0.62 13.89
CA LEU A 148 5.70 -2.04 14.12
C LEU A 148 6.90 -2.77 13.55
N ILE A 149 7.55 -3.56 14.41
CA ILE A 149 8.76 -4.21 14.06
C ILE A 149 8.54 -5.71 14.10
N ARG A 150 8.90 -6.40 13.03
CA ARG A 150 8.89 -7.88 13.01
C ARG A 150 10.27 -8.39 12.65
N THR A 151 10.90 -9.16 13.57
CA THR A 151 12.07 -9.91 13.25
C THR A 151 11.71 -10.95 12.21
N PRO A 152 12.72 -11.60 11.64
CA PRO A 152 12.42 -12.66 10.68
C PRO A 152 11.51 -13.76 11.28
N THR A 153 11.72 -14.10 12.54
CA THR A 153 10.84 -15.06 13.16
C THR A 153 9.42 -14.51 13.34
N GLN A 154 9.29 -13.27 13.75
CA GLN A 154 7.97 -12.66 13.88
C GLN A 154 7.29 -12.52 12.53
N ALA A 155 8.08 -12.34 11.50
CA ALA A 155 7.48 -12.14 10.17
C ALA A 155 6.85 -13.43 9.70
N ARG A 156 7.57 -14.50 9.97
CA ARG A 156 7.09 -15.82 9.61
C ARG A 156 5.88 -16.23 10.46
N GLN A 157 5.93 -15.91 11.73
CA GLN A 157 4.77 -16.18 12.58
C GLN A 157 3.49 -15.45 12.18
N LYS A 158 3.64 -14.23 11.71
CA LYS A 158 2.51 -13.44 11.27
C LYS A 158 1.83 -14.12 10.11
N VAL A 159 2.63 -14.61 9.17
CA VAL A 159 2.08 -15.33 8.03
C VAL A 159 1.36 -16.58 8.55
N ALA A 160 2.01 -17.34 9.45
CA ALA A 160 1.37 -18.51 9.98
C ALA A 160 0.06 -18.15 10.68
N ASP A 161 0.03 -17.05 11.42
CA ASP A 161 -1.19 -16.68 12.15
C ASP A 161 -2.32 -16.29 11.17
N ASP A 162 -1.98 -15.62 10.06
CA ASP A 162 -2.95 -15.17 9.07
C ASP A 162 -3.54 -16.41 8.42
N VAL A 163 -2.67 -17.32 7.99
CA VAL A 163 -3.16 -18.60 7.49
C VAL A 163 -4.08 -19.30 8.45
N ASP A 164 -3.69 -19.36 9.72
CA ASP A 164 -4.52 -20.06 10.66
C ASP A 164 -5.86 -19.38 10.87
N ARG A 165 -5.89 -18.05 10.83
CA ARG A 165 -7.18 -17.37 10.97
C ARG A 165 -8.09 -17.69 9.78
N VAL A 166 -7.53 -17.66 8.58
CA VAL A 166 -8.31 -18.06 7.42
C VAL A 166 -8.82 -19.49 7.55
N ARG A 167 -8.00 -20.40 8.07
CA ARG A 167 -8.43 -21.79 8.21
C ARG A 167 -9.57 -21.95 9.21
N ARG A 168 -9.56 -21.16 10.28
CA ARG A 168 -10.70 -21.14 11.22
C ARG A 168 -12.05 -20.62 10.66
N GLU A 169 -12.00 -19.74 9.68
CA GLU A 169 -13.14 -18.89 9.34
C GLU A 169 -13.71 -19.31 8.01
N PHE A 170 -12.86 -19.96 7.20
CA PHE A 170 -13.20 -20.32 5.82
C PHE A 170 -12.90 -21.78 5.55
N VAL A 171 -13.46 -22.33 4.49
CA VAL A 171 -13.10 -23.65 3.99
C VAL A 171 -12.21 -23.42 2.80
N VAL A 172 -11.00 -23.93 2.87
CA VAL A 172 -9.96 -23.64 1.87
C VAL A 172 -9.59 -24.89 1.04
N ASN A 173 -9.42 -24.68 -0.26
CA ASN A 173 -8.98 -25.72 -1.17
C ASN A 173 -7.76 -26.46 -0.58
N ASP A 174 -7.85 -27.79 -0.59
CA ASP A 174 -6.83 -28.59 0.09
C ASP A 174 -5.40 -28.33 -0.46
N LYS A 175 -5.24 -28.19 -1.77
CA LYS A 175 -3.91 -27.90 -2.33
C LYS A 175 -3.37 -26.53 -1.98
N ARG A 176 -4.25 -25.55 -1.89
CA ARG A 176 -3.85 -24.28 -1.40
C ARG A 176 -3.29 -24.36 -0.01
N LEU A 177 -4.01 -25.04 0.88
CA LEU A 177 -3.59 -25.10 2.25
C LEU A 177 -2.21 -25.74 2.34
N HIS A 178 -2.00 -26.79 1.54
CA HIS A 178 -0.75 -27.54 1.57
C HIS A 178 0.35 -26.68 1.02
N ARG A 179 0.04 -25.91 -0.01
CA ARG A 179 1.00 -24.93 -0.54
C ARG A 179 1.48 -23.96 0.55
N TRP A 180 0.54 -23.36 1.28
CA TRP A 180 0.96 -22.41 2.30
C TRP A 180 1.76 -23.09 3.40
N GLN A 181 1.37 -24.30 3.77
CA GLN A 181 2.05 -24.96 4.88
C GLN A 181 3.49 -25.35 4.45
N ARG A 182 3.63 -25.82 3.22
CA ARG A 182 4.92 -26.21 2.69
C ARG A 182 5.84 -24.99 2.69
N TRP A 183 5.31 -23.85 2.27
CA TRP A 183 6.05 -22.61 2.27
C TRP A 183 6.51 -22.23 3.66
N LEU A 184 5.60 -22.27 4.61
CA LEU A 184 5.90 -21.94 5.98
C LEU A 184 6.96 -22.87 6.54
N ASP A 185 7.05 -24.10 6.03
CA ASP A 185 8.05 -25.05 6.54
C ASP A 185 9.33 -25.05 5.76
N ASP A 186 9.39 -24.26 4.70
CA ASP A 186 10.51 -24.33 3.78
C ASP A 186 11.55 -23.28 4.20
N ASP A 187 12.45 -23.65 5.11
CA ASP A 187 13.40 -22.70 5.67
C ASP A 187 14.19 -21.90 4.64
N SER A 188 14.59 -22.52 3.54
CA SER A 188 15.39 -21.81 2.55
C SER A 188 14.67 -20.62 1.89
N SER A 189 13.35 -20.56 2.00
CA SER A 189 12.60 -19.54 1.29
C SER A 189 12.67 -18.22 2.08
N TRP A 190 12.73 -18.32 3.41
CA TRP A 190 12.54 -17.17 4.30
C TRP A 190 13.83 -16.37 4.48
N PRO A 191 13.70 -15.07 4.48
CA PRO A 191 14.87 -14.25 4.74
C PRO A 191 15.33 -14.25 6.18
N ASP A 192 16.62 -13.99 6.37
CA ASP A 192 17.20 -13.96 7.68
C ASP A 192 17.37 -12.53 8.20
N PHE A 193 16.60 -11.61 7.61
CA PHE A 193 16.59 -10.22 8.00
C PHE A 193 15.23 -9.62 7.61
N SER A 194 14.94 -8.49 8.23
CA SER A 194 13.78 -7.66 7.94
C SER A 194 14.21 -6.25 7.53
N VAL A 195 13.30 -5.58 6.84
CA VAL A 195 13.54 -4.19 6.37
C VAL A 195 12.32 -3.35 6.56
N VAL A 196 12.49 -2.03 6.49
CA VAL A 196 11.36 -1.13 6.39
C VAL A 196 10.63 -1.42 5.04
N VAL A 197 9.37 -1.82 5.14
CA VAL A 197 8.55 -2.06 3.95
C VAL A 197 7.40 -1.10 3.88
N HIS A 198 6.98 -0.81 2.66
CA HIS A 198 5.80 -0.03 2.46
C HIS A 198 4.53 -0.77 2.87
N GLY A 199 4.44 -2.07 2.53
CA GLY A 199 3.33 -2.89 2.94
C GLY A 199 2.08 -2.99 2.10
N ASP A 200 1.89 -2.01 1.24
CA ASP A 200 0.78 -2.02 0.30
C ASP A 200 1.24 -1.49 -1.05
N LEU A 201 2.36 -2.01 -1.51
CA LEU A 201 3.04 -1.42 -2.67
C LEU A 201 2.71 -2.11 -3.93
N TYR A 202 2.07 -1.36 -4.85
CA TYR A 202 1.79 -1.84 -6.19
C TYR A 202 1.68 -0.56 -7.03
N VAL A 203 1.55 -0.70 -8.34
CA VAL A 203 1.50 0.44 -9.25
C VAL A 203 0.47 1.50 -8.85
N GLY A 204 -0.65 1.12 -8.22
CA GLY A 204 -1.59 2.10 -7.78
C GLY A 204 -1.17 3.05 -6.70
N HIS A 205 -0.16 2.66 -5.93
CA HIS A 205 0.39 3.52 -4.89
C HIS A 205 1.78 4.09 -5.20
N VAL A 206 2.21 3.95 -6.44
CA VAL A 206 3.44 4.54 -6.89
C VAL A 206 3.14 5.73 -7.77
N LEU A 207 3.82 6.85 -7.54
CA LEU A 207 3.67 8.04 -8.41
C LEU A 207 4.83 8.13 -9.37
N ILE A 208 4.54 8.59 -10.58
CA ILE A 208 5.54 8.74 -11.63
C ILE A 208 5.44 10.09 -12.31
N ASP A 209 6.58 10.63 -12.70
CA ASP A 209 6.58 11.86 -13.44
C ASP A 209 6.28 11.60 -14.93
N ASN A 210 6.24 12.66 -15.74
CA ASN A 210 5.95 12.60 -17.17
C ASN A 210 6.76 11.56 -17.95
N THR A 211 7.99 11.32 -17.50
CA THR A 211 8.87 10.37 -18.17
C THR A 211 8.71 8.93 -17.68
N GLU A 212 7.77 8.70 -16.76
CA GLU A 212 7.51 7.43 -16.09
C GLU A 212 8.56 7.06 -15.06
N ARG A 213 9.29 8.03 -14.58
CA ARG A 213 10.25 7.81 -13.45
C ARG A 213 9.52 7.91 -12.12
N VAL A 214 9.75 6.95 -11.22
CA VAL A 214 9.17 6.97 -9.91
C VAL A 214 9.53 8.27 -9.19
N SER A 215 8.50 8.95 -8.69
CA SER A 215 8.69 10.27 -8.12
C SER A 215 8.10 10.31 -6.71
N GLY A 216 7.30 9.30 -6.35
CA GLY A 216 6.68 9.28 -5.03
C GLY A 216 6.00 7.96 -4.76
N MET A 217 5.60 7.73 -3.52
CA MET A 217 4.74 6.61 -3.15
C MET A 217 3.68 7.15 -2.18
N ILE A 218 2.46 6.62 -2.22
CA ILE A 218 1.39 7.08 -1.35
C ILE A 218 0.82 5.87 -0.55
N ASP A 219 -0.12 6.15 0.34
N ASP A 219 -0.02 6.15 0.43
CA ASP A 219 -0.79 5.20 1.23
CA ASP A 219 -0.80 5.15 1.18
C ASP A 219 0.17 4.29 1.98
C ASP A 219 0.06 4.25 2.04
N TRP A 220 0.69 4.85 3.03
CA TRP A 220 1.69 4.19 3.87
C TRP A 220 1.11 3.49 5.10
N SER A 221 -0.19 3.23 5.10
N SER A 221 -0.19 3.25 5.15
CA SER A 221 -0.88 2.72 6.29
CA SER A 221 -0.81 2.74 6.37
C SER A 221 -0.44 1.33 6.75
C SER A 221 -0.25 1.37 6.82
N GLU A 222 0.20 0.56 5.87
CA GLU A 222 0.65 -0.78 6.18
C GLU A 222 2.17 -0.83 6.45
N ALA A 223 2.86 0.31 6.49
CA ALA A 223 4.28 0.30 6.66
C ALA A 223 4.72 -0.23 8.01
N ARG A 224 5.86 -0.91 7.98
CA ARG A 224 6.35 -1.66 9.17
C ARG A 224 7.71 -2.18 8.82
N VAL A 225 8.43 -2.78 9.78
CA VAL A 225 9.64 -3.53 9.48
C VAL A 225 9.28 -5.00 9.39
N ASP A 226 9.57 -5.62 8.25
CA ASP A 226 9.03 -6.95 7.98
C ASP A 226 9.81 -7.52 6.79
N ASP A 227 9.30 -8.60 6.25
CA ASP A 227 9.83 -9.33 5.09
C ASP A 227 9.93 -8.50 3.81
N PRO A 228 11.15 -8.29 3.25
CA PRO A 228 11.31 -7.40 2.11
C PRO A 228 10.43 -7.81 0.94
N ALA A 229 10.14 -9.10 0.82
CA ALA A 229 9.40 -9.61 -0.32
C ALA A 229 7.94 -9.15 -0.37
N ILE A 230 7.43 -8.66 0.75
CA ILE A 230 6.11 -8.06 0.79
C ILE A 230 5.99 -6.98 -0.29
N ASP A 231 7.09 -6.28 -0.58
CA ASP A 231 7.02 -5.11 -1.45
C ASP A 231 7.33 -5.47 -2.90
N MET A 232 7.51 -6.76 -3.17
CA MET A 232 7.84 -7.22 -4.52
C MET A 232 6.72 -8.09 -5.13
N ALA A 233 5.78 -8.62 -4.33
CA ALA A 233 4.79 -9.56 -4.84
C ALA A 233 3.89 -8.91 -5.87
N ALA A 234 3.53 -7.66 -5.67
CA ALA A 234 2.63 -7.04 -6.63
C ALA A 234 3.35 -6.71 -7.91
N HIS A 235 4.67 -6.49 -7.85
CA HIS A 235 5.43 -6.27 -9.06
C HIS A 235 5.38 -7.53 -9.90
N LEU A 236 5.50 -8.68 -9.24
CA LEU A 236 5.39 -9.93 -9.98
C LEU A 236 4.01 -10.10 -10.61
N MET A 237 2.97 -9.75 -9.88
N MET A 237 2.99 -9.73 -9.85
CA MET A 237 1.63 -9.90 -10.40
CA MET A 237 1.63 -9.85 -10.33
C MET A 237 1.46 -9.05 -11.68
C MET A 237 1.42 -9.04 -11.62
N VAL A 238 1.94 -7.81 -11.65
CA VAL A 238 1.62 -6.87 -12.71
C VAL A 238 2.52 -7.04 -13.92
N PHE A 239 3.80 -7.26 -13.68
CA PHE A 239 4.81 -7.33 -14.70
C PHE A 239 5.39 -8.73 -14.94
N GLY A 240 4.88 -9.73 -14.24
CA GLY A 240 5.25 -11.11 -14.54
C GLY A 240 6.65 -11.50 -14.10
N GLU A 241 7.02 -12.74 -14.41
CA GLU A 241 8.36 -13.18 -14.03
C GLU A 241 9.46 -12.43 -14.72
N GLU A 242 9.23 -12.03 -15.97
CA GLU A 242 10.30 -11.34 -16.66
C GLU A 242 10.56 -10.04 -15.96
N GLY A 243 9.51 -9.35 -15.53
CA GLY A 243 9.66 -8.07 -14.88
C GLY A 243 10.25 -8.24 -13.49
N LEU A 244 9.97 -9.35 -12.87
CA LEU A 244 10.54 -9.58 -11.54
C LEU A 244 12.00 -9.77 -11.66
N ALA A 245 12.39 -10.54 -12.66
CA ALA A 245 13.81 -10.79 -12.86
C ALA A 245 14.58 -9.49 -13.07
N LYS A 246 14.05 -8.59 -13.89
CA LYS A 246 14.64 -7.25 -14.07
C LYS A 246 14.75 -6.53 -12.73
N LEU A 247 13.66 -6.55 -11.95
CA LEU A 247 13.60 -5.84 -10.68
C LEU A 247 14.74 -6.33 -9.78
N LEU A 248 14.81 -7.64 -9.65
CA LEU A 248 15.77 -8.16 -8.69
C LEU A 248 17.22 -7.89 -9.08
N LEU A 249 17.53 -7.91 -10.39
CA LEU A 249 18.92 -7.59 -10.81
C LEU A 249 19.28 -6.15 -10.44
N THR A 250 18.39 -5.23 -10.74
CA THR A 250 18.68 -3.82 -10.47
C THR A 250 18.63 -3.50 -8.98
N TYR A 251 17.70 -4.12 -8.29
CA TYR A 251 17.55 -3.92 -6.86
C TYR A 251 18.85 -4.29 -6.15
N GLU A 252 19.41 -5.42 -6.56
CA GLU A 252 20.65 -5.88 -5.95
C GLU A 252 21.82 -4.97 -6.37
N ALA A 253 21.88 -4.56 -7.63
CA ALA A 253 22.91 -3.68 -8.05
C ALA A 253 22.86 -2.32 -7.33
N ALA A 254 21.67 -1.92 -6.90
CA ALA A 254 21.45 -0.66 -6.20
C ALA A 254 21.70 -0.75 -4.70
N GLY A 255 22.11 -1.92 -4.24
CA GLY A 255 22.47 -2.17 -2.86
C GLY A 255 21.41 -2.88 -2.03
N GLY A 256 20.31 -3.30 -2.66
CA GLY A 256 19.27 -4.07 -1.97
C GLY A 256 19.81 -5.44 -1.65
N ARG A 257 19.49 -5.89 -0.44
CA ARG A 257 19.99 -7.13 0.09
C ARG A 257 19.09 -8.23 -0.43
N VAL A 258 19.67 -9.29 -1.03
CA VAL A 258 18.85 -10.35 -1.55
C VAL A 258 19.30 -11.62 -0.87
N TRP A 259 18.61 -12.70 -1.21
CA TRP A 259 19.02 -14.03 -0.81
C TRP A 259 18.70 -14.99 -1.94
N PRO A 260 19.23 -16.21 -1.89
CA PRO A 260 19.19 -17.02 -3.13
C PRO A 260 17.77 -17.39 -3.63
N ARG A 261 16.85 -17.64 -2.70
CA ARG A 261 15.49 -18.09 -3.01
C ARG A 261 14.51 -16.92 -2.95
N LEU A 262 15.01 -15.69 -3.06
CA LEU A 262 14.12 -14.54 -3.02
C LEU A 262 13.00 -14.56 -4.12
N ALA A 263 13.32 -14.92 -5.36
CA ALA A 263 12.31 -14.91 -6.40
C ALA A 263 11.23 -15.95 -6.06
N HIS A 264 11.68 -17.11 -5.61
CA HIS A 264 10.73 -18.13 -5.15
C HIS A 264 9.80 -17.63 -4.06
N HIS A 265 10.40 -16.96 -3.09
CA HIS A 265 9.68 -16.46 -1.95
C HIS A 265 8.64 -15.42 -2.29
N ILE A 266 8.98 -14.61 -3.28
CA ILE A 266 8.05 -13.58 -3.78
C ILE A 266 6.86 -14.21 -4.41
N ALA A 267 7.06 -15.27 -5.19
CA ALA A 267 5.94 -15.94 -5.79
C ALA A 267 5.03 -16.56 -4.68
N GLU A 268 5.66 -17.11 -3.62
CA GLU A 268 4.87 -17.68 -2.53
C GLU A 268 4.11 -16.59 -1.79
N ARG A 269 4.72 -15.41 -1.64
CA ARG A 269 4.06 -14.25 -1.04
C ARG A 269 2.87 -13.80 -1.89
N LEU A 270 3.03 -13.84 -3.20
CA LEU A 270 1.93 -13.46 -4.09
C LEU A 270 0.74 -14.44 -3.91
N ALA A 271 1.04 -15.73 -3.79
CA ALA A 271 -0.01 -16.73 -3.53
C ALA A 271 -0.73 -16.48 -2.23
N PHE A 272 0.03 -16.09 -1.24
CA PHE A 272 -0.47 -15.75 0.07
C PHE A 272 -1.39 -14.52 0.05
N GLY A 273 -1.32 -13.72 -1.01
CA GLY A 273 -2.32 -12.69 -1.22
C GLY A 273 -3.77 -13.13 -1.05
N ALA A 274 -4.09 -14.37 -1.39
CA ALA A 274 -5.45 -14.88 -1.17
C ALA A 274 -5.85 -14.83 0.30
N VAL A 275 -4.87 -15.09 1.17
CA VAL A 275 -5.13 -14.99 2.61
C VAL A 275 -5.41 -13.57 3.04
N THR A 276 -4.55 -12.67 2.61
CA THR A 276 -4.69 -11.25 2.90
C THR A 276 -6.06 -10.73 2.43
N TYR A 277 -6.43 -11.12 1.23
CA TYR A 277 -7.70 -10.69 0.69
C TYR A 277 -8.85 -11.20 1.56
N ALA A 278 -8.79 -12.49 1.90
CA ALA A 278 -9.84 -13.12 2.69
C ALA A 278 -9.96 -12.47 4.05
N LEU A 279 -8.84 -12.18 4.69
CA LEU A 279 -8.92 -11.50 5.98
C LEU A 279 -9.43 -10.07 5.88
N PHE A 280 -9.10 -9.38 4.80
CA PHE A 280 -9.65 -8.06 4.54
C PHE A 280 -11.16 -8.16 4.41
N ALA A 281 -11.60 -9.15 3.62
CA ALA A 281 -13.02 -9.40 3.43
C ALA A 281 -13.76 -9.67 4.73
N LEU A 282 -13.17 -10.52 5.57
CA LEU A 282 -13.75 -10.89 6.82
C LEU A 282 -13.87 -9.67 7.73
N ASP A 283 -12.77 -8.94 7.86
CA ASP A 283 -12.69 -7.83 8.81
C ASP A 283 -13.58 -6.68 8.36
N SER A 284 -13.86 -6.58 7.06
CA SER A 284 -14.73 -5.53 6.56
C SER A 284 -16.21 -5.84 6.74
N GLY A 285 -16.56 -7.12 6.82
CA GLY A 285 -17.94 -7.54 6.82
C GLY A 285 -18.68 -7.30 5.52
N ASN A 286 -17.99 -6.87 4.47
CA ASN A 286 -18.67 -6.62 3.20
C ASN A 286 -18.96 -7.90 2.42
N GLU A 287 -20.22 -8.11 2.04
CA GLU A 287 -20.63 -9.40 1.48
C GLU A 287 -20.07 -9.71 0.08
N GLU A 288 -19.83 -8.68 -0.70
CA GLU A 288 -19.33 -8.87 -2.04
C GLU A 288 -17.85 -9.30 -1.95
N TYR A 289 -17.10 -8.65 -1.07
CA TYR A 289 -15.72 -9.03 -0.83
C TYR A 289 -15.67 -10.44 -0.25
N LEU A 290 -16.56 -10.75 0.70
CA LEU A 290 -16.60 -12.13 1.23
C LEU A 290 -16.92 -13.15 0.17
N ALA A 291 -17.88 -12.86 -0.71
CA ALA A 291 -18.20 -13.85 -1.71
C ALA A 291 -17.01 -14.15 -2.61
N ALA A 292 -16.32 -13.09 -3.00
CA ALA A 292 -15.11 -13.19 -3.83
C ALA A 292 -14.02 -13.98 -3.14
N ALA A 293 -13.84 -13.69 -1.86
CA ALA A 293 -12.78 -14.35 -1.10
C ALA A 293 -13.09 -15.83 -0.94
N LYS A 294 -14.33 -16.19 -0.58
CA LYS A 294 -14.64 -17.61 -0.42
C LYS A 294 -14.49 -18.37 -1.69
N ALA A 295 -14.96 -17.75 -2.77
CA ALA A 295 -14.84 -18.39 -4.04
C ALA A 295 -13.38 -18.66 -4.38
N GLN A 296 -12.52 -17.68 -4.10
CA GLN A 296 -11.11 -17.82 -4.42
C GLN A 296 -10.49 -18.92 -3.57
N LEU A 297 -10.78 -18.87 -2.28
CA LEU A 297 -10.14 -19.80 -1.35
C LEU A 297 -10.50 -21.23 -1.66
N ALA A 298 -11.73 -21.46 -2.08
CA ALA A 298 -12.19 -22.80 -2.34
C ALA A 298 -11.65 -23.32 -3.68
N ALA A 299 -11.35 -22.38 -4.56
CA ALA A 299 -10.88 -22.70 -5.90
C ALA A 299 -9.48 -23.24 -5.88
N ALA A 300 -9.25 -24.22 -6.72
CA ALA A 300 -7.88 -24.66 -7.01
C ALA A 300 -7.10 -23.50 -7.67
N GLU A 301 -5.84 -23.36 -7.27
CA GLU A 301 -4.95 -22.33 -7.80
C GLU A 301 -4.51 -22.73 -9.19
#